data_7RV0
#
_entry.id   7RV0
#
_cell.length_a   30.768
_cell.length_b   72.771
_cell.length_c   55.706
_cell.angle_alpha   90.000
_cell.angle_beta   107.485
_cell.angle_gamma   90.000
#
_symmetry.space_group_name_H-M   'C 1 2 1'
#
loop_
_entity.id
_entity.type
_entity.pdbx_description
1 polymer 'B-cell lymphoma 6 protein'
2 non-polymer N-(3-chloropyridin-4-yl)-2-(2-{[(2-fluorophenyl)methyl]amino}-4-oxo-3,4-dihydro-7H-pyrrolo[2,3-d]pyrimidin-7-yl)acetamide
3 non-polymer 'FORMIC ACID'
4 non-polymer 'CHLORIDE ION'
5 water water
#
_entity_poly.entity_id   1
_entity_poly.type   'polypeptide(L)'
_entity_poly.pdbx_seq_one_letter_code
;GSADSQIQFTRHASDVLLNLNRLRSRDILTDVVIVVSREQFRAHKTVLMACSGLFYSIFTDQLKRNLSVINLDPEINPEG
FNILLDFMYTSRLNLREGNIMAVMATAMYLQMEHVVDTCRKFIKASE
;
_entity_poly.pdbx_strand_id   A
#
# COMPACT_ATOMS: atom_id res chain seq x y z
N SER A 5 7.93 -16.10 27.14
CA SER A 5 9.35 -16.43 27.27
C SER A 5 9.97 -16.93 25.98
N GLN A 6 9.42 -16.50 24.86
CA GLN A 6 9.96 -16.89 23.56
C GLN A 6 11.12 -15.98 23.16
N ILE A 7 11.98 -16.47 22.28
CA ILE A 7 13.12 -15.70 21.80
C ILE A 7 12.69 -14.75 20.69
N GLN A 8 12.96 -13.46 20.84
CA GLN A 8 12.54 -12.47 19.87
CA GLN A 8 12.55 -12.46 19.87
C GLN A 8 13.64 -12.18 18.85
N PHE A 9 13.33 -12.39 17.58
CA PHE A 9 14.19 -11.97 16.50
C PHE A 9 13.79 -10.57 16.04
N THR A 10 14.58 -9.55 16.40
CA THR A 10 14.21 -8.16 16.11
C THR A 10 14.25 -7.69 14.67
N ARG A 11 14.88 -8.45 13.79
CA ARG A 11 14.92 -8.06 12.42
C ARG A 11 14.06 -8.96 11.55
N HIS A 12 13.44 -9.97 12.12
CA HIS A 12 12.70 -10.92 11.31
C HIS A 12 11.53 -10.37 10.53
N ALA A 13 10.71 -9.53 11.15
CA ALA A 13 9.54 -9.00 10.47
C ALA A 13 9.96 -8.15 9.29
N SER A 14 11.02 -7.38 9.51
CA SER A 14 11.56 -6.53 8.43
CA SER A 14 11.61 -6.53 8.44
C SER A 14 12.27 -7.22 7.16
N ASP A 15 12.87 -8.35 7.51
CA ASP A 15 13.54 -9.25 6.60
C ASP A 15 12.44 -9.92 5.75
N VAL A 16 11.36 -10.33 6.40
CA VAL A 16 10.24 -10.93 5.68
C VAL A 16 9.67 -9.93 4.68
N LEU A 17 9.47 -8.69 5.13
CA LEU A 17 8.89 -7.69 4.27
C LEU A 17 9.78 -7.41 3.07
N LEU A 18 11.08 -7.36 3.33
CA LEU A 18 12.03 -7.15 2.28
C LEU A 18 11.96 -8.30 1.24
N ASN A 19 11.84 -9.52 1.73
CA ASN A 19 11.73 -10.66 0.83
C ASN A 19 10.40 -10.61 0.03
N LEU A 20 9.35 -10.16 0.68
CA LEU A 20 8.08 -10.03 0.00
C LEU A 20 8.21 -8.98 -1.11
N ASN A 21 8.90 -7.89 -0.84
CA ASN A 21 9.11 -6.90 -1.90
C ASN A 21 9.93 -7.48 -3.06
N ARG A 22 10.91 -8.32 -2.73
CA ARG A 22 11.69 -8.97 -3.77
C ARG A 22 10.81 -9.89 -4.63
N LEU A 23 9.89 -10.61 -3.99
CA LEU A 23 8.96 -11.42 -4.77
C LEU A 23 8.09 -10.52 -5.65
N ARG A 24 7.62 -9.40 -5.14
CA ARG A 24 6.80 -8.50 -5.95
C ARG A 24 7.57 -8.02 -7.19
N SER A 25 8.84 -7.70 -7.00
CA SER A 25 9.69 -7.16 -8.07
C SER A 25 9.90 -8.18 -9.17
N ARG A 26 9.79 -9.44 -8.82
CA ARG A 26 9.93 -10.54 -9.74
C ARG A 26 8.59 -11.12 -10.20
N ASP A 27 7.49 -10.52 -9.73
CA ASP A 27 6.14 -10.97 -10.09
C ASP A 27 5.89 -12.41 -9.66
N ILE A 28 6.48 -12.82 -8.54
CA ILE A 28 6.27 -14.16 -8.01
C ILE A 28 5.09 -14.18 -7.03
N LEU A 29 4.07 -14.95 -7.42
CA LEU A 29 2.85 -15.18 -6.63
C LEU A 29 2.00 -13.91 -6.42
N THR A 30 2.25 -12.87 -7.20
CA THR A 30 1.34 -11.74 -7.22
C THR A 30 0.00 -12.26 -7.73
N ASP A 31 -1.08 -11.74 -7.18
CA ASP A 31 -2.40 -12.28 -7.45
C ASP A 31 -3.41 -11.20 -7.76
N VAL A 32 -2.97 -9.96 -7.89
CA VAL A 32 -3.90 -8.90 -8.26
C VAL A 32 -3.18 -7.82 -9.02
N VAL A 33 -3.92 -7.20 -9.94
CA VAL A 33 -3.43 -5.98 -10.53
CA VAL A 33 -3.49 -6.01 -10.63
C VAL A 33 -4.37 -4.85 -10.18
N ILE A 34 -3.76 -3.75 -9.74
CA ILE A 34 -4.47 -2.54 -9.35
C ILE A 34 -4.32 -1.55 -10.49
N VAL A 35 -5.45 -1.11 -11.06
CA VAL A 35 -5.45 -0.22 -12.20
C VAL A 35 -5.80 1.19 -11.68
N VAL A 36 -4.96 2.16 -11.98
CA VAL A 36 -5.13 3.52 -11.49
C VAL A 36 -4.92 4.44 -12.65
N SER A 37 -6.01 4.92 -13.25
CA SER A 37 -5.96 5.78 -14.40
C SER A 37 -5.24 5.02 -15.54
N ARG A 38 -4.13 5.48 -16.11
CA ARG A 38 -3.57 4.74 -17.19
C ARG A 38 -2.54 3.73 -16.74
N GLU A 39 -2.22 3.70 -15.45
CA GLU A 39 -1.20 2.80 -14.96
C GLU A 39 -1.76 1.55 -14.29
N GLN A 40 -0.94 0.52 -14.22
CA GLN A 40 -1.28 -0.75 -13.57
C GLN A 40 -0.15 -1.18 -12.65
N PHE A 41 -0.51 -1.80 -11.53
CA PHE A 41 0.46 -2.19 -10.52
C PHE A 41 0.10 -3.57 -9.98
N ARG A 42 1.06 -4.48 -9.97
CA ARG A 42 0.82 -5.84 -9.47
C ARG A 42 1.26 -5.94 -8.02
N ALA A 43 0.56 -6.76 -7.25
CA ALA A 43 0.84 -6.88 -5.83
C ALA A 43 0.31 -8.18 -5.28
N HIS A 44 0.57 -8.42 -4.01
CA HIS A 44 0.03 -9.56 -3.29
C HIS A 44 -1.15 -9.05 -2.46
N LYS A 45 -2.30 -9.68 -2.64
CA LYS A 45 -3.49 -9.28 -1.89
C LYS A 45 -3.24 -9.26 -0.38
N THR A 46 -2.48 -10.22 0.12
CA THR A 46 -2.29 -10.34 1.56
C THR A 46 -1.62 -9.08 2.10
N VAL A 47 -0.62 -8.57 1.38
CA VAL A 47 0.12 -7.39 1.80
C VAL A 47 -0.82 -6.18 1.73
N LEU A 48 -1.59 -6.09 0.65
CA LEU A 48 -2.54 -4.98 0.52
C LEU A 48 -3.52 -4.97 1.68
N MET A 49 -4.07 -6.13 2.00
CA MET A 49 -4.99 -6.24 3.10
C MET A 49 -4.36 -5.83 4.44
N ALA A 50 -3.11 -6.22 4.63
CA ALA A 50 -2.41 -5.94 5.87
C ALA A 50 -2.14 -4.46 6.06
N CYS A 51 -2.12 -3.71 4.97
CA CYS A 51 -1.69 -2.30 4.98
C CYS A 51 -2.75 -1.24 4.71
N SER A 52 -3.95 -1.64 4.29
CA SER A 52 -4.96 -0.71 3.82
C SER A 52 -6.34 -1.16 4.23
N GLY A 53 -7.13 -0.24 4.78
CA GLY A 53 -8.48 -0.55 5.18
C GLY A 53 -9.36 -0.78 3.96
N LEU A 54 -9.10 -0.07 2.86
CA LEU A 54 -9.86 -0.30 1.63
C LEU A 54 -9.65 -1.70 1.10
N PHE A 55 -8.38 -2.09 0.95
CA PHE A 55 -8.10 -3.42 0.39
C PHE A 55 -8.54 -4.52 1.36
N TYR A 56 -8.40 -4.28 2.68
CA TYR A 56 -8.89 -5.24 3.66
C TYR A 56 -10.38 -5.47 3.47
N SER A 57 -11.13 -4.37 3.31
CA SER A 57 -12.57 -4.43 3.20
CA SER A 57 -12.57 -4.45 3.21
C SER A 57 -13.02 -5.12 1.91
N ILE A 58 -12.27 -4.91 0.84
CA ILE A 58 -12.58 -5.51 -0.44
C ILE A 58 -12.36 -7.00 -0.34
N PHE A 59 -11.15 -7.41 0.00
CA PHE A 59 -10.80 -8.82 -0.19
C PHE A 59 -11.32 -9.73 0.94
N THR A 60 -11.72 -9.16 2.08
CA THR A 60 -12.34 -9.98 3.13
C THR A 60 -13.72 -10.44 2.71
N ASP A 61 -14.37 -9.69 1.85
CA ASP A 61 -15.70 -10.05 1.39
C ASP A 61 -15.57 -11.20 0.43
N GLN A 62 -16.27 -12.31 0.74
CA GLN A 62 -16.24 -13.53 -0.08
C GLN A 62 -16.66 -13.28 -1.51
N LEU A 63 -17.52 -12.31 -1.70
CA LEU A 63 -17.94 -11.93 -2.99
C LEU A 63 -16.82 -11.37 -3.86
N LYS A 64 -15.90 -10.65 -3.24
CA LYS A 64 -14.82 -9.98 -3.94
C LYS A 64 -13.40 -10.59 -3.77
N ARG A 65 -13.29 -11.55 -2.89
CA ARG A 65 -12.01 -12.13 -2.59
C ARG A 65 -11.17 -12.70 -3.72
N ASN A 66 -11.79 -13.19 -4.80
CA ASN A 66 -11.05 -13.78 -5.90
C ASN A 66 -10.84 -12.82 -7.05
N LEU A 67 -11.21 -11.56 -6.86
CA LEU A 67 -10.98 -10.57 -7.89
C LEU A 67 -9.51 -10.53 -8.27
N SER A 68 -9.23 -10.54 -9.56
CA SER A 68 -7.84 -10.47 -10.03
C SER A 68 -7.43 -9.07 -10.48
N VAL A 69 -8.41 -8.20 -10.68
CA VAL A 69 -8.17 -6.82 -11.09
C VAL A 69 -9.05 -5.90 -10.26
N ILE A 70 -8.48 -4.83 -9.75
CA ILE A 70 -9.24 -3.81 -9.04
C ILE A 70 -8.99 -2.48 -9.73
N ASN A 71 -10.07 -1.83 -10.15
CA ASN A 71 -9.98 -0.51 -10.72
C ASN A 71 -10.21 0.53 -9.63
N LEU A 72 -9.20 1.35 -9.36
CA LEU A 72 -9.37 2.39 -8.36
C LEU A 72 -10.15 3.56 -8.95
N ASP A 73 -10.67 4.38 -8.05
CA ASP A 73 -11.32 5.60 -8.43
CA ASP A 73 -11.32 5.62 -8.42
C ASP A 73 -10.43 6.35 -9.43
N PRO A 74 -11.01 6.74 -10.59
CA PRO A 74 -10.28 7.44 -11.65
C PRO A 74 -9.60 8.76 -11.24
N GLU A 75 -10.04 9.36 -10.14
CA GLU A 75 -9.44 10.62 -9.68
C GLU A 75 -8.15 10.43 -8.89
N ILE A 76 -7.88 9.20 -8.47
CA ILE A 76 -6.68 8.90 -7.72
C ILE A 76 -5.45 9.07 -8.60
N ASN A 77 -4.45 9.79 -8.06
CA ASN A 77 -3.17 10.10 -8.76
C ASN A 77 -2.35 8.79 -8.76
N PRO A 78 -1.89 8.26 -9.92
CA PRO A 78 -1.08 7.04 -9.93
C PRO A 78 0.24 7.15 -9.14
N GLU A 79 0.87 8.32 -9.16
CA GLU A 79 2.08 8.59 -8.39
C GLU A 79 1.81 8.49 -6.89
N GLY A 80 0.68 9.03 -6.45
CA GLY A 80 0.30 8.92 -5.07
C GLY A 80 0.16 7.44 -4.71
N PHE A 81 -0.52 6.68 -5.56
CA PHE A 81 -0.70 5.28 -5.27
C PHE A 81 0.65 4.54 -5.20
N ASN A 82 1.51 4.83 -6.17
CA ASN A 82 2.81 4.17 -6.26
C ASN A 82 3.66 4.44 -5.01
N ILE A 83 3.66 5.67 -4.54
CA ILE A 83 4.35 5.99 -3.30
C ILE A 83 3.84 5.17 -2.12
N LEU A 84 2.52 5.00 -2.03
CA LEU A 84 1.93 4.25 -0.92
C LEU A 84 2.20 2.73 -1.05
N LEU A 85 2.15 2.20 -2.26
CA LEU A 85 2.46 0.80 -2.49
C LEU A 85 3.91 0.53 -2.12
N ASP A 86 4.80 1.42 -2.54
CA ASP A 86 6.18 1.26 -2.13
C ASP A 86 6.33 1.28 -0.60
N PHE A 87 5.62 2.20 0.07
CA PHE A 87 5.61 2.21 1.53
C PHE A 87 5.14 0.87 2.12
N MET A 88 4.05 0.33 1.59
CA MET A 88 3.51 -0.95 2.10
C MET A 88 4.59 -2.00 2.18
N TYR A 89 5.41 -2.04 1.14
CA TYR A 89 6.42 -3.08 1.01
C TYR A 89 7.80 -2.76 1.58
N THR A 90 8.03 -1.52 1.92
CA THR A 90 9.34 -1.12 2.45
C THR A 90 9.46 -0.49 3.81
N SER A 91 8.34 0.03 4.35
CA SER A 91 8.22 0.78 5.62
C SER A 91 8.82 2.18 5.50
N ARG A 92 9.06 2.65 4.30
CA ARG A 92 9.72 3.90 4.06
C ARG A 92 8.79 4.70 3.15
N LEU A 93 8.42 5.90 3.59
CA LEU A 93 7.45 6.74 2.89
C LEU A 93 8.14 7.92 2.22
N ASN A 94 8.03 7.99 0.90
CA ASN A 94 8.66 9.03 0.11
C ASN A 94 7.79 10.30 0.05
N LEU A 95 7.73 11.03 1.16
CA LEU A 95 6.98 12.28 1.26
C LEU A 95 7.84 13.47 0.87
N ARG A 96 7.31 14.34 -0.01
CA ARG A 96 8.00 15.52 -0.54
C ARG A 96 7.01 16.67 -0.78
N GLU A 97 7.58 17.84 -0.93
CA GLU A 97 6.82 19.02 -1.15
C GLU A 97 5.91 18.92 -2.22
N GLY A 98 6.37 18.45 -3.42
CA GLY A 98 5.62 18.31 -4.63
C GLY A 98 4.66 17.11 -4.67
N ASN A 99 4.64 16.26 -3.65
CA ASN A 99 3.73 15.11 -3.66
C ASN A 99 2.79 14.97 -2.45
N ILE A 100 2.96 15.84 -1.46
CA ILE A 100 2.30 15.64 -0.17
C ILE A 100 0.76 15.59 -0.26
N MET A 101 0.16 16.49 -1.01
CA MET A 101 -1.31 16.52 -1.10
C MET A 101 -1.84 15.29 -1.81
N ALA A 102 -1.15 14.87 -2.86
CA ALA A 102 -1.57 13.68 -3.60
C ALA A 102 -1.44 12.44 -2.73
N VAL A 103 -0.35 12.34 -1.96
CA VAL A 103 -0.16 11.18 -1.11
C VAL A 103 -1.16 11.15 0.02
N MET A 104 -1.42 12.31 0.63
CA MET A 104 -2.39 12.40 1.70
CA MET A 104 -2.39 12.37 1.72
C MET A 104 -3.79 11.99 1.25
N ALA A 105 -4.24 12.54 0.12
CA ALA A 105 -5.58 12.22 -0.36
C ALA A 105 -5.69 10.75 -0.75
N THR A 106 -4.62 10.18 -1.32
CA THR A 106 -4.63 8.77 -1.69
C THR A 106 -4.67 7.88 -0.43
N ALA A 107 -3.93 8.26 0.61
CA ALA A 107 -3.94 7.53 1.87
C ALA A 107 -5.31 7.59 2.54
N MET A 108 -6.03 8.71 2.42
CA MET A 108 -7.38 8.77 2.95
C MET A 108 -8.28 7.76 2.25
N TYR A 109 -8.22 7.76 0.92
CA TYR A 109 -9.00 6.82 0.11
C TYR A 109 -8.65 5.35 0.40
N LEU A 110 -7.37 5.07 0.59
CA LEU A 110 -6.94 3.71 0.87
C LEU A 110 -7.16 3.33 2.33
N GLN A 111 -7.64 4.27 3.15
CA GLN A 111 -7.87 4.02 4.57
C GLN A 111 -6.59 3.56 5.29
N MET A 112 -5.57 4.41 5.23
CA MET A 112 -4.29 4.19 5.87
C MET A 112 -4.09 5.34 6.88
N GLU A 113 -4.72 5.18 8.04
CA GLU A 113 -4.88 6.29 8.96
C GLU A 113 -3.57 6.79 9.58
N HIS A 114 -2.68 5.87 9.94
CA HIS A 114 -1.38 6.28 10.48
C HIS A 114 -0.61 7.10 9.44
N VAL A 115 -0.68 6.68 8.18
CA VAL A 115 -0.05 7.45 7.12
C VAL A 115 -0.73 8.84 6.98
N VAL A 116 -2.05 8.90 6.96
CA VAL A 116 -2.72 10.20 6.91
C VAL A 116 -2.29 11.12 8.07
N ASP A 117 -2.15 10.54 9.25
CA ASP A 117 -1.72 11.36 10.38
C ASP A 117 -0.30 11.89 10.16
N THR A 118 0.56 11.07 9.59
CA THR A 118 1.91 11.48 9.30
C THR A 118 1.95 12.59 8.25
N CYS A 119 1.03 12.56 7.28
CA CYS A 119 0.96 13.62 6.29
C CYS A 119 0.51 14.94 6.93
N ARG A 120 -0.35 14.86 7.93
CA ARG A 120 -0.79 16.06 8.63
C ARG A 120 0.45 16.69 9.29
N LYS A 121 1.36 15.86 9.80
CA LYS A 121 2.61 16.35 10.41
C LYS A 121 3.55 17.02 9.39
N PHE A 122 3.68 16.46 8.21
CA PHE A 122 4.51 17.03 7.18
C PHE A 122 4.00 18.41 6.75
N ILE A 123 2.69 18.55 6.67
CA ILE A 123 2.08 19.81 6.29
C ILE A 123 2.40 20.88 7.33
N LYS A 124 2.27 20.48 8.57
CA LYS A 124 2.54 21.35 9.69
C LYS A 124 3.96 21.87 9.77
N ALA A 125 4.89 21.06 9.33
CA ALA A 125 6.35 21.33 9.42
C ALA A 125 6.79 22.12 8.19
N SER A 126 6.05 21.98 7.08
CA SER A 126 5.90 22.94 5.97
C SER A 126 6.39 22.29 4.66
#